data_7S3O
#
_entry.id   7S3O
#
_entity_poly.entity_id   1
_entity_poly.type   'polypeptide(L)'
_entity_poly.pdbx_seq_one_letter_code
;WTLNSAGYLLGKK(NH2)
;
_entity_poly.pdbx_strand_id   A
#
# COMPACT_ATOMS: atom_id res chain seq x y z
N TRP A 1 8.03 -7.07 -4.02
CA TRP A 1 6.74 -6.90 -3.31
C TRP A 1 6.97 -6.52 -1.85
N THR A 2 6.02 -5.76 -1.30
CA THR A 2 6.10 -5.30 0.09
C THR A 2 4.76 -5.48 0.81
N LEU A 3 4.82 -5.65 2.13
CA LEU A 3 3.63 -5.83 2.94
C LEU A 3 3.26 -4.54 3.66
N ASN A 4 2.08 -4.00 3.32
CA ASN A 4 1.57 -2.77 3.93
C ASN A 4 0.15 -2.95 4.47
N SER A 5 -0.21 -2.11 5.44
CA SER A 5 -1.54 -2.17 6.07
C SER A 5 -2.53 -1.26 5.35
N ALA A 6 -2.06 -0.10 4.89
CA ALA A 6 -2.90 0.87 4.17
C ALA A 6 -2.80 0.69 2.66
N GLY A 7 -1.57 0.44 2.17
CA GLY A 7 -1.36 0.24 0.74
C GLY A 7 0.11 0.21 0.38
N TYR A 8 0.44 -0.53 -0.69
CA TYR A 8 1.82 -0.67 -1.16
C TYR A 8 2.12 0.28 -2.31
N LEU A 9 1.17 0.35 -3.27
CA LEU A 9 1.32 1.23 -4.44
C LEU A 9 0.08 2.11 -4.62
N LEU A 10 -1.11 1.54 -4.41
CA LEU A 10 -2.38 2.26 -4.55
C LEU A 10 -2.87 2.78 -3.20
N GLY A 11 -3.51 3.94 -3.21
CA GLY A 11 -4.03 4.54 -1.99
C GLY A 11 -4.26 6.03 -2.13
N LYS A 12 -5.50 6.42 -2.37
CA LYS A 12 -5.88 7.83 -2.53
C LYS A 12 -6.50 8.38 -1.25
N LYS A 13 -6.22 9.66 -0.97
CA LYS A 13 -6.75 10.32 0.23
C LYS A 13 -7.94 11.19 -0.11
N TRP A 1 8.19 -7.13 -3.87
CA TRP A 1 6.87 -6.94 -3.21
C TRP A 1 7.06 -6.61 -1.73
N THR A 2 6.12 -5.82 -1.19
CA THR A 2 6.16 -5.42 0.22
C THR A 2 4.79 -5.57 0.87
N LEU A 3 4.78 -5.77 2.18
CA LEU A 3 3.54 -5.93 2.95
C LEU A 3 3.19 -4.64 3.68
N ASN A 4 2.06 -4.05 3.31
CA ASN A 4 1.58 -2.81 3.91
C ASN A 4 0.15 -2.97 4.44
N SER A 5 -0.21 -2.13 5.43
CA SER A 5 -1.54 -2.17 6.04
C SER A 5 -2.51 -1.23 5.32
N ALA A 6 -2.00 -0.08 4.85
CA ALA A 6 -2.80 0.91 4.14
C ALA A 6 -2.72 0.72 2.62
N GLY A 7 -1.52 0.42 2.12
CA GLY A 7 -1.32 0.21 0.69
C GLY A 7 0.14 0.23 0.30
N TYR A 8 0.47 -0.48 -0.78
CA TYR A 8 1.85 -0.55 -1.28
C TYR A 8 2.07 0.41 -2.44
N LEU A 9 1.11 0.46 -3.36
CA LEU A 9 1.17 1.34 -4.54
C LEU A 9 -0.07 2.21 -4.66
N LEU A 10 -1.25 1.62 -4.37
CA LEU A 10 -2.53 2.33 -4.44
C LEU A 10 -2.94 2.84 -3.06
N GLY A 11 -3.43 4.09 -3.04
CA GLY A 11 -3.86 4.70 -1.79
C GLY A 11 -3.73 6.22 -1.81
N LYS A 12 -4.61 6.89 -1.07
CA LYS A 12 -4.62 8.35 -1.00
C LYS A 12 -4.62 8.83 0.45
N LYS A 13 -3.83 9.87 0.73
CA LYS A 13 -3.71 10.43 2.07
C LYS A 13 -3.94 11.95 2.05
N TRP A 1 8.28 -7.15 -3.80
CA TRP A 1 6.95 -6.91 -3.18
C TRP A 1 7.08 -6.68 -1.68
N THR A 2 6.17 -5.88 -1.14
CA THR A 2 6.16 -5.56 0.30
C THR A 2 4.75 -5.65 0.87
N LEU A 3 4.66 -5.93 2.16
CA LEU A 3 3.38 -6.05 2.86
C LEU A 3 3.08 -4.78 3.67
N ASN A 4 2.00 -4.10 3.27
CA ASN A 4 1.57 -2.86 3.94
C ASN A 4 0.14 -2.99 4.45
N SER A 5 -0.20 -2.17 5.45
CA SER A 5 -1.54 -2.17 6.05
C SER A 5 -2.47 -1.19 5.34
N ALA A 6 -1.92 -0.05 4.90
CA ALA A 6 -2.70 0.98 4.19
C ALA A 6 -2.62 0.79 2.68
N GLY A 7 -1.43 0.45 2.17
CA GLY A 7 -1.23 0.25 0.75
C GLY A 7 0.22 0.39 0.33
N TYR A 8 0.59 -0.31 -0.75
CA TYR A 8 1.96 -0.28 -1.28
C TYR A 8 2.10 0.71 -2.43
N LEU A 9 1.12 0.67 -3.36
CA LEU A 9 1.11 1.55 -4.52
C LEU A 9 -0.23 2.25 -4.67
N LEU A 10 -1.32 1.49 -4.48
CA LEU A 10 -2.68 2.03 -4.60
C LEU A 10 -3.29 2.29 -3.23
N GLY A 11 -4.14 3.32 -3.13
CA GLY A 11 -4.78 3.67 -1.88
C GLY A 11 -6.16 4.24 -2.08
N LYS A 12 -6.22 5.49 -2.54
CA LYS A 12 -7.48 6.19 -2.79
C LYS A 12 -7.51 6.78 -4.20
N LYS A 13 -8.63 6.56 -4.91
CA LYS A 13 -8.81 7.06 -6.26
C LYS A 13 -9.68 8.32 -6.28
N TRP A 1 8.06 -7.48 -3.77
CA TRP A 1 6.73 -7.17 -3.17
C TRP A 1 6.88 -6.75 -1.71
N THR A 2 6.12 -5.73 -1.32
CA THR A 2 6.15 -5.20 0.05
C THR A 2 4.80 -5.38 0.72
N LEU A 3 4.83 -5.66 2.04
CA LEU A 3 3.62 -5.86 2.82
C LEU A 3 3.23 -4.57 3.56
N ASN A 4 2.07 -4.02 3.22
CA ASN A 4 1.56 -2.79 3.83
C ASN A 4 0.16 -3.00 4.38
N SER A 5 -0.20 -2.20 5.39
CA SER A 5 -1.52 -2.27 6.03
C SER A 5 -2.53 -1.34 5.35
N ALA A 6 -2.06 -0.15 4.95
CA ALA A 6 -2.90 0.85 4.28
C ALA A 6 -2.80 0.75 2.76
N GLY A 7 -1.58 0.53 2.25
CA GLY A 7 -1.35 0.42 0.83
C GLY A 7 0.12 0.41 0.47
N TYR A 8 0.46 -0.33 -0.59
CA TYR A 8 1.85 -0.43 -1.05
C TYR A 8 2.11 0.51 -2.24
N LEU A 9 1.19 0.51 -3.20
CA LEU A 9 1.30 1.36 -4.39
C LEU A 9 0.01 2.14 -4.65
N LEU A 10 -1.13 1.45 -4.51
CA LEU A 10 -2.45 2.07 -4.72
C LEU A 10 -3.28 2.02 -3.44
N GLY A 11 -4.08 3.06 -3.22
CA GLY A 11 -4.93 3.14 -2.04
C GLY A 11 -6.20 3.93 -2.29
N LYS A 12 -6.03 5.20 -2.68
CA LYS A 12 -7.16 6.09 -2.94
C LYS A 12 -7.40 6.22 -4.45
N LYS A 13 -8.67 6.13 -4.85
CA LYS A 13 -9.07 6.23 -6.25
C LYS A 13 -10.16 7.27 -6.44
N TRP A 1 8.15 -7.07 -3.98
CA TRP A 1 6.84 -6.85 -3.32
C TRP A 1 7.01 -6.56 -1.84
N THR A 2 6.09 -5.76 -1.29
CA THR A 2 6.12 -5.39 0.13
C THR A 2 4.74 -5.52 0.76
N LEU A 3 4.72 -5.77 2.08
CA LEU A 3 3.48 -5.92 2.83
C LEU A 3 3.14 -4.64 3.59
N ASN A 4 2.00 -4.03 3.22
CA ASN A 4 1.54 -2.79 3.86
C ASN A 4 0.12 -2.96 4.42
N SER A 5 -0.21 -2.15 5.42
CA SER A 5 -1.53 -2.20 6.06
C SER A 5 -2.51 -1.23 5.39
N ALA A 6 -2.01 -0.07 4.96
CA ALA A 6 -2.84 0.95 4.30
C ALA A 6 -2.75 0.82 2.78
N GLY A 7 -1.54 0.56 2.26
CA GLY A 7 -1.33 0.43 0.83
C GLY A 7 0.15 0.37 0.46
N TYR A 8 0.46 -0.39 -0.59
CA TYR A 8 1.83 -0.54 -1.07
C TYR A 8 2.12 0.38 -2.26
N LEU A 9 1.18 0.41 -3.22
CA LEU A 9 1.31 1.26 -4.41
C LEU A 9 0.02 2.04 -4.66
N LEU A 10 -1.13 1.39 -4.51
CA LEU A 10 -2.44 2.01 -4.72
C LEU A 10 -3.06 2.42 -3.39
N GLY A 11 -3.67 3.61 -3.37
CA GLY A 11 -4.32 4.12 -2.16
C GLY A 11 -4.32 5.64 -2.11
N LYS A 12 -3.46 6.20 -1.25
CA LYS A 12 -3.35 7.65 -1.09
C LYS A 12 -2.16 8.21 -1.86
N LYS A 13 -1.03 7.50 -1.79
CA LYS A 13 0.19 7.92 -2.48
C LYS A 13 0.39 7.12 -3.78
N TRP A 1 7.91 -7.21 -3.90
CA TRP A 1 6.59 -6.96 -3.26
C TRP A 1 6.78 -6.57 -1.79
N THR A 2 6.03 -5.55 -1.37
CA THR A 2 6.10 -5.04 0.00
C THR A 2 4.76 -5.25 0.72
N LEU A 3 4.84 -5.56 2.01
CA LEU A 3 3.65 -5.78 2.83
C LEU A 3 3.27 -4.51 3.60
N ASN A 4 2.09 -3.97 3.28
CA ASN A 4 1.58 -2.76 3.92
C ASN A 4 0.15 -2.97 4.42
N SER A 5 -0.23 -2.18 5.43
CA SER A 5 -1.57 -2.26 6.03
C SER A 5 -2.56 -1.32 5.33
N ALA A 6 -2.08 -0.14 4.92
CA ALA A 6 -2.90 0.86 4.24
C ALA A 6 -2.79 0.73 2.72
N GLY A 7 -1.57 0.49 2.22
CA GLY A 7 -1.35 0.36 0.79
C GLY A 7 0.12 0.25 0.44
N TYR A 8 0.42 -0.52 -0.61
CA TYR A 8 1.80 -0.72 -1.07
C TYR A 8 2.13 0.18 -2.25
N LEU A 9 1.21 0.26 -3.22
CA LEU A 9 1.39 1.09 -4.40
C LEU A 9 0.18 2.00 -4.65
N LEU A 10 -1.03 1.45 -4.41
CA LEU A 10 -2.28 2.21 -4.59
C LEU A 10 -2.76 2.80 -3.28
N GLY A 11 -3.29 4.02 -3.34
CA GLY A 11 -3.79 4.71 -2.16
C GLY A 11 -3.69 6.21 -2.28
N LYS A 12 -4.80 6.90 -2.00
CA LYS A 12 -4.86 8.36 -2.08
C LYS A 12 -4.75 8.98 -0.69
N LYS A 13 -3.99 10.08 -0.60
CA LYS A 13 -3.79 10.78 0.67
C LYS A 13 -4.68 12.03 0.75
N TRP A 1 8.44 -6.82 -3.92
CA TRP A 1 7.10 -6.57 -3.36
C TRP A 1 7.15 -6.43 -1.84
N THR A 2 6.23 -5.64 -1.30
CA THR A 2 6.16 -5.40 0.15
C THR A 2 4.72 -5.48 0.64
N LEU A 3 4.56 -5.84 1.92
CA LEU A 3 3.24 -5.96 2.53
C LEU A 3 2.92 -4.74 3.40
N ASN A 4 1.89 -4.00 3.00
CA ASN A 4 1.47 -2.80 3.72
C ASN A 4 0.04 -2.94 4.23
N SER A 5 -0.28 -2.20 5.30
CA SER A 5 -1.62 -2.24 5.91
C SER A 5 -2.54 -1.16 5.33
N ALA A 6 -1.96 0.02 5.02
CA ALA A 6 -2.70 1.14 4.46
C ALA A 6 -2.64 1.14 2.93
N GLY A 7 -1.45 0.86 2.39
CA GLY A 7 -1.26 0.84 0.94
C GLY A 7 0.19 0.62 0.55
N TYR A 8 0.42 -0.31 -0.38
CA TYR A 8 1.77 -0.63 -0.86
C TYR A 8 2.07 0.08 -2.19
N LEU A 9 1.10 0.04 -3.10
CA LEU A 9 1.25 0.68 -4.42
C LEU A 9 0.05 1.60 -4.72
N LEU A 10 -1.16 1.14 -4.36
CA LEU A 10 -2.38 1.91 -4.57
C LEU A 10 -2.75 2.71 -3.33
N GLY A 11 -3.33 3.89 -3.57
CA GLY A 11 -3.73 4.77 -2.47
C GLY A 11 -3.44 6.23 -2.75
N LYS A 12 -4.05 7.11 -1.95
CA LYS A 12 -3.87 8.57 -2.09
C LYS A 12 -2.87 9.09 -1.07
N LYS A 13 -1.90 9.87 -1.56
CA LYS A 13 -0.87 10.45 -0.70
C LYS A 13 -1.19 11.91 -0.38
N TRP A 1 8.19 -7.14 -3.87
CA TRP A 1 6.88 -6.96 -3.20
C TRP A 1 7.07 -6.60 -1.73
N THR A 2 6.13 -5.82 -1.19
CA THR A 2 6.17 -5.38 0.20
C THR A 2 4.81 -5.53 0.87
N LEU A 3 4.83 -5.72 2.19
CA LEU A 3 3.60 -5.88 2.98
C LEU A 3 3.23 -4.58 3.68
N ASN A 4 2.08 -4.02 3.31
CA ASN A 4 1.59 -2.77 3.90
C ASN A 4 0.17 -2.95 4.44
N SER A 5 -0.19 -2.10 5.41
CA SER A 5 -1.52 -2.14 6.03
C SER A 5 -2.52 -1.24 5.29
N ALA A 6 -2.03 -0.09 4.81
CA ALA A 6 -2.87 0.87 4.09
C ALA A 6 -2.79 0.66 2.57
N GLY A 7 -1.58 0.38 2.08
CA GLY A 7 -1.37 0.15 0.65
C GLY A 7 0.10 0.17 0.26
N TYR A 8 0.43 -0.56 -0.81
CA TYR A 8 1.81 -0.65 -1.30
C TYR A 8 2.03 0.31 -2.48
N LEU A 9 1.06 0.33 -3.41
CA LEU A 9 1.14 1.18 -4.60
C LEU A 9 -0.03 2.17 -4.64
N LEU A 10 -1.22 1.70 -4.27
CA LEU A 10 -2.43 2.54 -4.26
C LEU A 10 -2.70 3.10 -2.86
N GLY A 11 -3.19 4.33 -2.82
CA GLY A 11 -3.49 4.99 -1.56
C GLY A 11 -2.44 6.01 -1.17
N LYS A 12 -2.29 7.05 -2.01
CA LYS A 12 -1.32 8.11 -1.78
C LYS A 12 -1.99 9.48 -1.87
N LYS A 13 -1.51 10.42 -1.06
CA LYS A 13 -2.05 11.79 -1.04
C LYS A 13 -0.92 12.81 -1.19
N TRP A 1 8.08 -7.12 -3.97
CA TRP A 1 6.77 -6.94 -3.28
C TRP A 1 6.99 -6.58 -1.82
N THR A 2 6.05 -5.81 -1.27
CA THR A 2 6.12 -5.37 0.13
C THR A 2 4.77 -5.53 0.82
N LEU A 3 4.80 -5.71 2.15
CA LEU A 3 3.59 -5.88 2.94
C LEU A 3 3.23 -4.59 3.66
N ASN A 4 2.06 -4.04 3.32
CA ASN A 4 1.58 -2.80 3.91
C ASN A 4 0.15 -2.98 4.46
N SER A 5 -0.21 -2.13 5.44
CA SER A 5 -1.54 -2.18 6.07
C SER A 5 -2.53 -1.26 5.35
N ALA A 6 -2.02 -0.10 4.91
CA ALA A 6 -2.85 0.89 4.20
C ALA A 6 -2.76 0.72 2.68
N GLY A 7 -1.54 0.45 2.19
CA GLY A 7 -1.33 0.27 0.76
C GLY A 7 0.14 0.26 0.39
N TYR A 8 0.47 -0.45 -0.69
CA TYR A 8 1.85 -0.55 -1.18
C TYR A 8 2.11 0.43 -2.32
N LEU A 9 1.17 0.49 -3.28
CA LEU A 9 1.28 1.37 -4.43
C LEU A 9 0.00 2.18 -4.63
N LEU A 10 -1.15 1.52 -4.48
CA LEU A 10 -2.46 2.16 -4.64
C LEU A 10 -3.06 2.53 -3.29
N GLY A 11 -3.86 3.60 -3.27
CA GLY A 11 -4.49 4.06 -2.04
C GLY A 11 -5.93 3.61 -1.94
N LYS A 12 -6.74 3.91 -2.96
CA LYS A 12 -8.15 3.54 -2.99
C LYS A 12 -8.36 2.29 -3.85
N LYS A 13 -9.29 1.43 -3.40
CA LYS A 13 -9.61 0.19 -4.11
C LYS A 13 -10.89 0.34 -4.92
N TRP A 1 8.05 -7.10 -3.98
CA TRP A 1 6.77 -6.94 -3.26
C TRP A 1 7.00 -6.53 -1.80
N THR A 2 6.05 -5.77 -1.26
CA THR A 2 6.14 -5.27 0.11
C THR A 2 4.81 -5.46 0.84
N LEU A 3 4.89 -5.60 2.17
CA LEU A 3 3.69 -5.78 3.00
C LEU A 3 3.30 -4.47 3.68
N ASN A 4 2.11 -3.98 3.34
CA ASN A 4 1.58 -2.73 3.90
C ASN A 4 0.18 -2.93 4.45
N SER A 5 -0.21 -2.08 5.42
CA SER A 5 -1.53 -2.14 6.03
C SER A 5 -2.55 -1.27 5.29
N ALA A 6 -2.10 -0.11 4.81
CA ALA A 6 -2.95 0.83 4.08
C ALA A 6 -2.85 0.61 2.56
N GLY A 7 -1.63 0.36 2.07
CA GLY A 7 -1.41 0.13 0.65
C GLY A 7 0.06 0.11 0.29
N TYR A 8 0.39 -0.64 -0.77
CA TYR A 8 1.78 -0.77 -1.25
C TYR A 8 2.04 0.18 -2.42
N LEU A 9 1.10 0.22 -3.37
CA LEU A 9 1.22 1.06 -4.56
C LEU A 9 0.09 2.10 -4.61
N LEU A 10 -1.13 1.69 -4.24
CA LEU A 10 -2.29 2.58 -4.24
C LEU A 10 -2.51 3.19 -2.85
N GLY A 11 -2.92 4.45 -2.83
CA GLY A 11 -3.17 5.15 -1.58
C GLY A 11 -2.14 6.22 -1.29
N LYS A 12 -0.87 5.81 -1.22
CA LYS A 12 0.24 6.73 -0.96
C LYS A 12 0.98 7.07 -2.25
N LYS A 13 1.19 8.37 -2.47
CA LYS A 13 1.87 8.86 -3.67
C LYS A 13 3.33 9.20 -3.36
N TRP A 1 8.05 -7.12 -3.98
CA TRP A 1 6.76 -6.95 -3.27
C TRP A 1 6.99 -6.57 -1.81
N THR A 2 6.04 -5.79 -1.27
CA THR A 2 6.13 -5.33 0.12
C THR A 2 4.78 -5.52 0.83
N LEU A 3 4.83 -5.68 2.16
CA LEU A 3 3.63 -5.85 2.97
C LEU A 3 3.26 -4.56 3.68
N ASN A 4 2.09 -4.03 3.33
CA ASN A 4 1.58 -2.77 3.93
C ASN A 4 0.17 -2.96 4.47
N SER A 5 -0.20 -2.12 5.43
CA SER A 5 -1.53 -2.17 6.06
C SER A 5 -2.53 -1.26 5.33
N ALA A 6 -2.05 -0.11 4.87
CA ALA A 6 -2.88 0.87 4.16
C ALA A 6 -2.79 0.68 2.64
N GLY A 7 -1.57 0.42 2.14
CA GLY A 7 -1.36 0.22 0.72
C GLY A 7 0.12 0.20 0.35
N TYR A 8 0.44 -0.52 -0.72
CA TYR A 8 1.82 -0.63 -1.20
C TYR A 8 2.09 0.34 -2.36
N LEU A 9 1.15 0.41 -3.30
CA LEU A 9 1.27 1.29 -4.46
C LEU A 9 0.02 2.17 -4.62
N LEU A 10 -1.16 1.58 -4.42
CA LEU A 10 -2.43 2.31 -4.53
C LEU A 10 -2.93 2.74 -3.15
N GLY A 11 -3.51 3.94 -3.10
CA GLY A 11 -4.04 4.48 -1.85
C GLY A 11 -3.94 5.99 -1.78
N LYS A 12 -4.85 6.60 -1.01
CA LYS A 12 -4.88 8.05 -0.84
C LYS A 12 -4.22 8.46 0.48
N LYS A 13 -3.32 9.45 0.39
CA LYS A 13 -2.60 9.96 1.56
C LYS A 13 -3.21 11.26 2.06
N TRP A 1 7.89 -6.52 -4.27
CA TRP A 1 6.60 -6.37 -3.54
C TRP A 1 6.85 -6.12 -2.06
N THR A 2 5.93 -5.36 -1.45
CA THR A 2 6.02 -5.02 -0.02
C THR A 2 4.68 -5.24 0.68
N LEU A 3 4.74 -5.51 1.98
CA LEU A 3 3.54 -5.74 2.79
C LEU A 3 3.19 -4.50 3.60
N ASN A 4 2.02 -3.92 3.29
CA ASN A 4 1.53 -2.72 3.97
C ASN A 4 0.10 -2.92 4.46
N SER A 5 -0.30 -2.13 5.47
CA SER A 5 -1.64 -2.20 6.05
C SER A 5 -2.62 -1.25 5.34
N ALA A 6 -2.12 -0.08 4.93
CA ALA A 6 -2.93 0.92 4.24
C ALA A 6 -2.81 0.80 2.72
N GLY A 7 -1.58 0.61 2.24
CA GLY A 7 -1.34 0.48 0.80
C GLY A 7 0.12 0.22 0.48
N TYR A 8 0.36 -0.65 -0.50
CA TYR A 8 1.72 -1.01 -0.92
C TYR A 8 2.09 -0.30 -2.22
N LEU A 9 1.17 -0.31 -3.19
CA LEU A 9 1.39 0.33 -4.49
C LEU A 9 0.39 1.46 -4.75
N LEU A 10 -0.83 1.31 -4.22
CA LEU A 10 -1.89 2.30 -4.39
C LEU A 10 -1.85 3.36 -3.27
N GLY A 11 -1.63 2.90 -2.03
CA GLY A 11 -1.58 3.81 -0.90
C GLY A 11 -2.88 3.84 -0.11
N LYS A 12 -3.38 5.06 0.13
CA LYS A 12 -4.63 5.26 0.88
C LYS A 12 -5.80 5.51 -0.07
N LYS A 13 -5.57 6.33 -1.11
CA LYS A 13 -6.60 6.66 -2.09
C LYS A 13 -6.42 5.82 -3.36
N TRP A 1 8.32 -7.26 -3.79
CA TRP A 1 6.99 -7.06 -3.17
C TRP A 1 7.15 -6.71 -1.68
N THR A 2 6.20 -5.93 -1.17
CA THR A 2 6.20 -5.51 0.24
C THR A 2 4.81 -5.63 0.86
N LEU A 3 4.78 -5.83 2.18
CA LEU A 3 3.53 -5.97 2.91
C LEU A 3 3.18 -4.68 3.63
N ASN A 4 2.04 -4.08 3.23
CA ASN A 4 1.56 -2.83 3.82
C ASN A 4 0.16 -3.00 4.38
N SER A 5 -0.19 -2.15 5.35
CA SER A 5 -1.51 -2.18 5.99
C SER A 5 -2.51 -1.25 5.29
N ALA A 6 -2.01 -0.08 4.86
CA ALA A 6 -2.84 0.92 4.17
C ALA A 6 -2.76 0.76 2.65
N GLY A 7 -1.54 0.51 2.14
CA GLY A 7 -1.34 0.34 0.71
C GLY A 7 0.12 0.44 0.32
N TYR A 8 0.50 -0.32 -0.71
CA TYR A 8 1.88 -0.33 -1.21
C TYR A 8 2.05 0.57 -2.44
N LEU A 9 1.09 0.48 -3.37
CA LEU A 9 1.10 1.29 -4.59
C LEU A 9 -0.16 2.16 -4.70
N LEU A 10 -1.31 1.59 -4.33
CA LEU A 10 -2.59 2.31 -4.39
C LEU A 10 -2.94 2.89 -3.02
N GLY A 11 -3.56 4.07 -3.04
CA GLY A 11 -3.97 4.73 -1.80
C GLY A 11 -3.23 6.05 -1.60
N LYS A 12 -3.95 7.16 -1.80
CA LYS A 12 -3.38 8.50 -1.64
C LYS A 12 -3.81 9.10 -0.30
N LYS A 13 -2.88 9.85 0.32
CA LYS A 13 -3.14 10.49 1.61
C LYS A 13 -2.79 11.98 1.55
N TRP A 1 7.92 -6.76 -4.19
CA TRP A 1 6.62 -6.61 -3.47
C TRP A 1 6.87 -6.30 -2.00
N THR A 2 5.94 -5.55 -1.39
CA THR A 2 6.03 -5.17 0.02
C THR A 2 4.69 -5.37 0.72
N LEU A 3 4.74 -5.61 2.03
CA LEU A 3 3.55 -5.81 2.85
C LEU A 3 3.20 -4.55 3.63
N ASN A 4 2.03 -3.98 3.30
CA ASN A 4 1.54 -2.77 3.96
C ASN A 4 0.11 -2.95 4.47
N SER A 5 -0.27 -2.15 5.47
CA SER A 5 -1.60 -2.21 6.07
C SER A 5 -2.57 -1.24 5.36
N ALA A 6 -2.06 -0.08 4.96
CA ALA A 6 -2.86 0.94 4.28
C ALA A 6 -2.76 0.81 2.75
N GLY A 7 -1.54 0.55 2.26
CA GLY A 7 -1.32 0.41 0.83
C GLY A 7 0.14 0.25 0.49
N TYR A 8 0.43 -0.56 -0.54
CA TYR A 8 1.81 -0.81 -0.99
C TYR A 8 2.15 0.07 -2.19
N LEU A 9 1.24 0.14 -3.17
CA LEU A 9 1.45 0.93 -4.37
C LEU A 9 0.24 1.84 -4.65
N LEU A 10 -0.97 1.30 -4.46
CA LEU A 10 -2.21 2.05 -4.68
C LEU A 10 -2.77 2.57 -3.37
N GLY A 11 -3.11 3.87 -3.35
CA GLY A 11 -3.66 4.49 -2.15
C GLY A 11 -4.27 5.84 -2.44
N LYS A 12 -5.22 5.88 -3.38
CA LYS A 12 -5.89 7.13 -3.77
C LYS A 12 -7.34 7.13 -3.28
N LYS A 13 -8.03 5.98 -3.45
CA LYS A 13 -9.42 5.85 -3.03
C LYS A 13 -9.57 4.78 -1.95
N TRP A 1 8.13 -6.45 -4.22
CA TRP A 1 6.80 -6.27 -3.58
C TRP A 1 6.94 -6.15 -2.06
N THR A 2 6.02 -5.39 -1.46
CA THR A 2 6.02 -5.17 -0.02
C THR A 2 4.61 -5.32 0.57
N LEU A 3 4.55 -5.70 1.84
CA LEU A 3 3.27 -5.87 2.53
C LEU A 3 2.97 -4.68 3.43
N ASN A 4 1.87 -3.97 3.10
CA ASN A 4 1.44 -2.80 3.86
C ASN A 4 -0.02 -2.95 4.30
N SER A 5 -0.38 -2.23 5.37
CA SER A 5 -1.74 -2.26 5.92
C SER A 5 -2.61 -1.15 5.31
N ALA A 6 -2.00 0.01 5.07
CA ALA A 6 -2.71 1.17 4.50
C ALA A 6 -2.60 1.19 2.97
N GLY A 7 -1.40 0.89 2.45
CA GLY A 7 -1.16 0.88 1.01
C GLY A 7 0.27 0.57 0.66
N TYR A 8 0.46 -0.39 -0.26
CA TYR A 8 1.79 -0.79 -0.71
C TYR A 8 2.17 -0.13 -2.03
N LEU A 9 1.23 -0.15 -2.99
CA LEU A 9 1.46 0.45 -4.31
C LEU A 9 0.28 1.35 -4.72
N LEU A 10 -0.95 0.90 -4.40
CA LEU A 10 -2.16 1.65 -4.73
C LEU A 10 -2.61 2.50 -3.55
N GLY A 11 -3.18 3.67 -3.86
CA GLY A 11 -3.65 4.58 -2.83
C GLY A 11 -3.73 6.02 -3.32
N LYS A 12 -2.56 6.68 -3.39
CA LYS A 12 -2.48 8.06 -3.85
C LYS A 12 -1.44 8.20 -4.95
N LYS A 13 -1.85 8.85 -6.05
CA LYS A 13 -0.96 9.05 -7.20
C LYS A 13 -0.52 10.51 -7.30
N TRP A 1 8.21 -7.13 -3.86
CA TRP A 1 6.90 -6.95 -3.17
C TRP A 1 7.10 -6.55 -1.71
N THR A 2 6.15 -5.78 -1.19
CA THR A 2 6.20 -5.31 0.19
C THR A 2 4.85 -5.48 0.89
N LEU A 3 4.89 -5.64 2.21
CA LEU A 3 3.67 -5.81 3.00
C LEU A 3 3.28 -4.51 3.70
N ASN A 4 2.11 -4.00 3.34
CA ASN A 4 1.58 -2.75 3.90
C ASN A 4 0.17 -2.95 4.46
N SER A 5 -0.21 -2.09 5.40
CA SER A 5 -1.53 -2.15 6.03
C SER A 5 -2.55 -1.28 5.29
N ALA A 6 -2.08 -0.12 4.80
CA ALA A 6 -2.94 0.82 4.07
C ALA A 6 -2.85 0.59 2.55
N GLY A 7 -1.64 0.33 2.06
CA GLY A 7 -1.44 0.09 0.63
C GLY A 7 0.03 0.08 0.25
N TYR A 8 0.34 -0.60 -0.86
CA TYR A 8 1.71 -0.70 -1.36
C TYR A 8 1.92 0.17 -2.61
N LEU A 9 0.95 0.11 -3.53
CA LEU A 9 1.01 0.87 -4.78
C LEU A 9 0.03 2.04 -4.76
N LEU A 10 -1.14 1.83 -4.14
CA LEU A 10 -2.18 2.87 -4.04
C LEU A 10 -2.01 3.72 -2.79
N GLY A 11 -1.66 3.07 -1.67
CA GLY A 11 -1.47 3.78 -0.40
C GLY A 11 -0.01 4.06 -0.11
N LYS A 12 0.50 5.15 -0.68
CA LYS A 12 1.90 5.55 -0.49
C LYS A 12 2.02 6.65 0.56
N LYS A 13 3.11 6.62 1.33
CA LYS A 13 3.37 7.60 2.38
C LYS A 13 4.34 8.68 1.90
N TRP A 1 8.32 -7.21 -3.82
CA TRP A 1 6.98 -6.96 -3.22
C TRP A 1 7.10 -6.70 -1.73
N THR A 2 6.19 -5.89 -1.19
CA THR A 2 6.17 -5.55 0.23
C THR A 2 4.75 -5.65 0.80
N LEU A 3 4.66 -5.92 2.10
CA LEU A 3 3.38 -6.03 2.79
C LEU A 3 3.06 -4.76 3.56
N ASN A 4 1.98 -4.09 3.16
CA ASN A 4 1.54 -2.85 3.81
C ASN A 4 0.13 -3.00 4.37
N SER A 5 -0.18 -2.19 5.40
CA SER A 5 -1.50 -2.22 6.05
C SER A 5 -2.46 -1.22 5.40
N ALA A 6 -1.94 -0.06 4.99
CA ALA A 6 -2.75 0.98 4.35
C ALA A 6 -2.68 0.88 2.83
N GLY A 7 -1.48 0.60 2.30
CA GLY A 7 -1.30 0.49 0.85
C GLY A 7 0.16 0.52 0.45
N TYR A 8 0.51 -0.20 -0.61
CA TYR A 8 1.87 -0.26 -1.12
C TYR A 8 2.08 0.69 -2.30
N LEU A 9 1.13 0.65 -3.26
CA LEU A 9 1.19 1.51 -4.45
C LEU A 9 -0.16 2.16 -4.72
N LEU A 10 -1.24 1.37 -4.58
CA LEU A 10 -2.61 1.85 -4.80
C LEU A 10 -3.30 2.16 -3.48
N GLY A 11 -4.09 3.24 -3.48
CA GLY A 11 -4.82 3.64 -2.28
C GLY A 11 -5.06 5.13 -2.23
N LYS A 12 -6.22 5.57 -2.74
CA LYS A 12 -6.59 6.99 -2.75
C LYS A 12 -7.55 7.32 -1.61
N LYS A 13 -8.52 6.43 -1.38
CA LYS A 13 -9.52 6.62 -0.31
C LYS A 13 -9.61 5.38 0.57
N TRP A 1 8.22 -7.18 -3.88
CA TRP A 1 6.90 -6.95 -3.25
C TRP A 1 7.07 -6.65 -1.76
N THR A 2 6.14 -5.86 -1.22
CA THR A 2 6.16 -5.47 0.19
C THR A 2 4.76 -5.60 0.81
N LEU A 3 4.73 -5.84 2.12
CA LEU A 3 3.48 -5.98 2.86
C LEU A 3 3.14 -4.69 3.62
N ASN A 4 2.01 -4.08 3.24
CA ASN A 4 1.55 -2.84 3.86
C ASN A 4 0.13 -3.00 4.42
N SER A 5 -0.21 -2.18 5.42
CA SER A 5 -1.52 -2.21 6.05
C SER A 5 -2.50 -1.24 5.37
N ALA A 6 -1.98 -0.08 4.95
CA ALA A 6 -2.78 0.95 4.28
C ALA A 6 -2.70 0.83 2.77
N GLY A 7 -1.50 0.54 2.25
CA GLY A 7 -1.31 0.40 0.81
C GLY A 7 0.16 0.41 0.42
N TYR A 8 0.49 -0.31 -0.65
CA TYR A 8 1.87 -0.38 -1.15
C TYR A 8 2.09 0.58 -2.33
N LEU A 9 1.15 0.58 -3.27
CA LEU A 9 1.22 1.45 -4.45
C LEU A 9 -0.11 2.18 -4.69
N LEU A 10 -1.22 1.45 -4.53
CA LEU A 10 -2.56 2.01 -4.72
C LEU A 10 -3.21 2.34 -3.38
N GLY A 11 -3.93 3.46 -3.34
CA GLY A 11 -4.59 3.89 -2.11
C GLY A 11 -6.11 3.91 -2.26
N LYS A 12 -6.80 3.61 -1.15
CA LYS A 12 -8.26 3.58 -1.14
C LYS A 12 -8.83 4.86 -0.52
N LYS A 13 -9.94 5.34 -1.09
CA LYS A 13 -10.60 6.56 -0.62
C LYS A 13 -11.79 6.23 0.28
N TRP A 1 8.11 -7.14 -3.95
CA TRP A 1 6.80 -6.95 -3.27
C TRP A 1 7.00 -6.62 -1.79
N THR A 2 6.07 -5.82 -1.24
CA THR A 2 6.13 -5.41 0.16
C THR A 2 4.76 -5.55 0.83
N LEU A 3 4.78 -5.76 2.15
CA LEU A 3 3.56 -5.92 2.92
C LEU A 3 3.20 -4.62 3.65
N ASN A 4 2.05 -4.05 3.29
CA ASN A 4 1.57 -2.81 3.90
C ASN A 4 0.16 -2.98 4.45
N SER A 5 -0.19 -2.15 5.44
CA SER A 5 -1.52 -2.18 6.07
C SER A 5 -2.51 -1.25 5.36
N ALA A 6 -2.01 -0.09 4.92
CA ALA A 6 -2.84 0.90 4.23
C ALA A 6 -2.76 0.73 2.70
N GLY A 7 -1.54 0.47 2.20
CA GLY A 7 -1.33 0.30 0.77
C GLY A 7 0.14 0.29 0.39
N TYR A 8 0.47 -0.41 -0.69
CA TYR A 8 1.85 -0.50 -1.17
C TYR A 8 2.10 0.48 -2.32
N LEU A 9 1.16 0.52 -3.28
CA LEU A 9 1.26 1.42 -4.43
C LEU A 9 -0.04 2.20 -4.65
N LEU A 10 -1.18 1.51 -4.51
CA LEU A 10 -2.49 2.13 -4.68
C LEU A 10 -3.13 2.43 -3.33
N GLY A 11 -3.88 3.53 -3.27
CA GLY A 11 -4.55 3.93 -2.04
C GLY A 11 -4.09 5.28 -1.54
N LYS A 12 -4.99 6.27 -1.60
CA LYS A 12 -4.69 7.63 -1.15
C LYS A 12 -5.27 7.89 0.23
N LYS A 13 -4.46 8.51 1.10
CA LYS A 13 -4.88 8.82 2.46
C LYS A 13 -4.63 10.30 2.77
N TRP A 1 8.31 -7.20 -3.82
CA TRP A 1 6.97 -6.95 -3.22
C TRP A 1 7.10 -6.70 -1.72
N THR A 2 6.19 -5.88 -1.18
CA THR A 2 6.17 -5.54 0.24
C THR A 2 4.77 -5.65 0.82
N LEU A 3 4.69 -5.92 2.12
CA LEU A 3 3.41 -6.04 2.82
C LEU A 3 3.09 -4.77 3.60
N ASN A 4 1.99 -4.11 3.20
CA ASN A 4 1.55 -2.88 3.84
C ASN A 4 0.12 -3.02 4.38
N SER A 5 -0.21 -2.21 5.40
CA SER A 5 -1.53 -2.23 6.03
C SER A 5 -2.48 -1.23 5.37
N ALA A 6 -1.93 -0.07 4.98
CA ALA A 6 -2.72 0.99 4.34
C ALA A 6 -2.66 0.89 2.82
N GLY A 7 -1.47 0.60 2.28
CA GLY A 7 -1.28 0.48 0.85
C GLY A 7 0.18 0.52 0.44
N TYR A 8 0.51 -0.20 -0.63
CA TYR A 8 1.88 -0.26 -1.15
C TYR A 8 2.07 0.69 -2.33
N LEU A 9 1.13 0.65 -3.28
CA LEU A 9 1.17 1.50 -4.47
C LEU A 9 -0.19 2.17 -4.72
N LEU A 10 -1.26 1.40 -4.58
CA LEU A 10 -2.62 1.89 -4.79
C LEU A 10 -3.30 2.20 -3.46
N GLY A 11 -3.88 3.40 -3.38
CA GLY A 11 -4.56 3.83 -2.15
C GLY A 11 -5.53 4.98 -2.40
N LYS A 12 -6.71 4.90 -1.78
CA LYS A 12 -7.74 5.93 -1.92
C LYS A 12 -7.73 6.89 -0.72
N LYS A 13 -7.60 6.33 0.48
CA LYS A 13 -7.57 7.12 1.72
C LYS A 13 -6.15 7.31 2.21
N TRP A 1 8.27 -7.24 -3.84
CA TRP A 1 6.95 -7.00 -3.22
C TRP A 1 7.09 -6.70 -1.74
N THR A 2 6.17 -5.89 -1.21
CA THR A 2 6.18 -5.50 0.20
C THR A 2 4.78 -5.61 0.81
N LEU A 3 4.73 -5.84 2.12
CA LEU A 3 3.47 -5.97 2.85
C LEU A 3 3.13 -4.68 3.59
N ASN A 4 2.02 -4.07 3.20
CA ASN A 4 1.56 -2.82 3.83
C ASN A 4 0.15 -2.98 4.40
N SER A 5 -0.17 -2.15 5.40
CA SER A 5 -1.48 -2.19 6.05
C SER A 5 -2.48 -1.24 5.37
N ALA A 6 -2.00 -0.07 4.93
CA ALA A 6 -2.83 0.92 4.26
C ALA A 6 -2.75 0.79 2.74
N GLY A 7 -1.54 0.54 2.23
CA GLY A 7 -1.33 0.39 0.80
C GLY A 7 0.14 0.42 0.41
N TYR A 8 0.47 -0.31 -0.66
CA TYR A 8 1.86 -0.38 -1.14
C TYR A 8 2.08 0.57 -2.33
N LEU A 9 1.13 0.56 -3.27
CA LEU A 9 1.20 1.42 -4.46
C LEU A 9 -0.10 2.18 -4.67
N LEU A 10 -1.24 1.48 -4.51
CA LEU A 10 -2.57 2.09 -4.68
C LEU A 10 -3.35 2.04 -3.37
N GLY A 11 -4.00 3.17 -3.04
CA GLY A 11 -4.79 3.26 -1.81
C GLY A 11 -4.05 4.00 -0.71
N LYS A 12 -4.58 5.16 -0.32
CA LYS A 12 -3.97 5.98 0.74
C LYS A 12 -5.02 6.35 1.79
N LYS A 13 -4.66 6.15 3.06
CA LYS A 13 -5.55 6.46 4.18
C LYS A 13 -5.18 7.80 4.82
N TRP A 1 8.30 -6.72 -3.96
CA TRP A 1 6.97 -6.52 -3.32
C TRP A 1 7.12 -6.30 -1.81
N THR A 2 6.19 -5.51 -1.26
CA THR A 2 6.19 -5.20 0.17
C THR A 2 4.80 -5.37 0.77
N LEU A 3 4.76 -5.66 2.07
CA LEU A 3 3.49 -5.86 2.79
C LEU A 3 3.13 -4.61 3.60
N ASN A 4 2.00 -4.00 3.25
CA ASN A 4 1.52 -2.79 3.91
C ASN A 4 0.07 -2.97 4.38
N SER A 5 -0.31 -2.21 5.42
CA SER A 5 -1.66 -2.26 5.97
C SER A 5 -2.59 -1.24 5.31
N ALA A 6 -2.03 -0.08 4.95
CA ALA A 6 -2.80 0.99 4.30
C ALA A 6 -2.74 0.89 2.78
N GLY A 7 -1.55 0.59 2.24
CA GLY A 7 -1.38 0.46 0.81
C GLY A 7 0.07 0.24 0.41
N TYR A 8 0.27 -0.52 -0.67
CA TYR A 8 1.62 -0.81 -1.17
C TYR A 8 1.84 -0.20 -2.56
N LEU A 9 0.84 -0.34 -3.44
CA LEU A 9 0.91 0.19 -4.80
C LEU A 9 0.11 1.49 -4.92
N LEU A 10 -0.99 1.59 -4.16
CA LEU A 10 -1.87 2.77 -4.18
C LEU A 10 -1.42 3.81 -3.14
N GLY A 11 -1.04 3.33 -1.95
CA GLY A 11 -0.59 4.22 -0.89
C GLY A 11 -1.60 4.32 0.25
N LYS A 12 -1.65 5.49 0.90
CA LYS A 12 -2.56 5.71 2.02
C LYS A 12 -3.80 6.47 1.56
N LYS A 13 -4.96 6.09 2.13
CA LYS A 13 -6.23 6.73 1.79
C LYS A 13 -6.64 7.74 2.86
N TRP A 1 8.07 -7.43 -3.70
CA TRP A 1 6.74 -7.14 -3.11
C TRP A 1 6.90 -6.74 -1.64
N THR A 2 6.16 -5.69 -1.26
CA THR A 2 6.19 -5.18 0.12
C THR A 2 4.84 -5.35 0.79
N LEU A 3 4.87 -5.63 2.11
CA LEU A 3 3.66 -5.82 2.89
C LEU A 3 3.28 -4.54 3.62
N ASN A 4 2.11 -4.00 3.27
CA ASN A 4 1.60 -2.77 3.88
C ASN A 4 0.18 -2.97 4.42
N SER A 5 -0.20 -2.14 5.39
CA SER A 5 -1.53 -2.21 6.02
C SER A 5 -2.53 -1.30 5.30
N ALA A 6 -2.06 -0.14 4.84
CA ALA A 6 -2.90 0.83 4.12
C ALA A 6 -2.81 0.64 2.61
N GLY A 7 -1.59 0.39 2.11
CA GLY A 7 -1.38 0.18 0.68
C GLY A 7 0.09 0.18 0.31
N TYR A 8 0.42 -0.55 -0.77
CA TYR A 8 1.81 -0.66 -1.24
C TYR A 8 2.06 0.30 -2.41
N LEU A 9 1.11 0.36 -3.35
CA LEU A 9 1.21 1.24 -4.52
C LEU A 9 0.02 2.19 -4.61
N LEU A 10 -1.18 1.68 -4.31
CA LEU A 10 -2.40 2.48 -4.35
C LEU A 10 -2.78 2.97 -2.95
N GLY A 11 -3.34 4.18 -2.89
CA GLY A 11 -3.75 4.77 -1.63
C GLY A 11 -4.97 5.67 -1.76
N LYS A 12 -5.92 5.49 -0.85
CA LYS A 12 -7.16 6.27 -0.86
C LYS A 12 -7.10 7.38 0.20
N LYS A 13 -7.73 8.52 -0.12
CA LYS A 13 -7.76 9.67 0.77
C LYS A 13 -9.08 9.74 1.53
N TRP A 1 8.08 -6.83 -4.08
CA TRP A 1 6.77 -6.65 -3.40
C TRP A 1 6.99 -6.34 -1.91
N THR A 2 6.05 -5.56 -1.35
CA THR A 2 6.12 -5.16 0.06
C THR A 2 4.76 -5.35 0.74
N LEU A 3 4.80 -5.57 2.06
CA LEU A 3 3.59 -5.76 2.85
C LEU A 3 3.23 -4.49 3.61
N ASN A 4 2.06 -3.93 3.28
CA ASN A 4 1.56 -2.72 3.93
C ASN A 4 0.16 -2.92 4.48
N SER A 5 -0.21 -2.09 5.46
CA SER A 5 -1.53 -2.17 6.10
C SER A 5 -2.57 -1.29 5.39
N ALA A 6 -2.12 -0.11 4.92
CA ALA A 6 -3.00 0.83 4.21
C ALA A 6 -2.90 0.65 2.69
N GLY A 7 -1.66 0.53 2.19
CA GLY A 7 -1.45 0.37 0.75
C GLY A 7 0.02 0.20 0.40
N TYR A 8 0.29 -0.62 -0.62
CA TYR A 8 1.66 -0.88 -1.07
C TYR A 8 1.98 -0.14 -2.36
N LEU A 9 1.04 -0.18 -3.31
CA LEU A 9 1.21 0.49 -4.62
C LEU A 9 0.28 1.69 -4.76
N LEU A 10 -0.95 1.56 -4.24
CA LEU A 10 -1.95 2.63 -4.33
C LEU A 10 -1.88 3.57 -3.12
N GLY A 11 -1.71 2.99 -1.93
CA GLY A 11 -1.63 3.78 -0.70
C GLY A 11 -2.93 3.83 0.05
N LYS A 12 -3.63 4.99 -0.04
CA LYS A 12 -4.91 5.19 0.65
C LYS A 12 -6.08 4.95 -0.32
N LYS A 13 -5.96 5.47 -1.54
CA LYS A 13 -7.01 5.33 -2.56
C LYS A 13 -6.43 4.79 -3.86
N TRP A 1 7.89 -6.73 -4.12
CA TRP A 1 6.56 -6.51 -3.48
C TRP A 1 6.72 -6.23 -1.99
N THR A 2 6.00 -5.22 -1.50
CA THR A 2 6.04 -4.84 -0.09
C THR A 2 4.69 -5.06 0.57
N LEU A 3 4.73 -5.48 1.85
CA LEU A 3 3.52 -5.75 2.61
C LEU A 3 3.15 -4.54 3.48
N ASN A 4 2.00 -3.93 3.16
CA ASN A 4 1.50 -2.76 3.88
C ASN A 4 0.04 -2.96 4.30
N SER A 5 -0.37 -2.24 5.36
CA SER A 5 -1.73 -2.33 5.88
C SER A 5 -2.65 -1.27 5.24
N ALA A 6 -2.09 -0.08 4.98
CA ALA A 6 -2.84 1.03 4.38
C ALA A 6 -2.71 1.03 2.85
N GLY A 7 -1.49 0.77 2.36
CA GLY A 7 -1.24 0.76 0.93
C GLY A 7 0.20 0.44 0.59
N TYR A 8 0.39 -0.53 -0.31
CA TYR A 8 1.73 -0.96 -0.73
C TYR A 8 2.13 -0.31 -2.06
N LEU A 9 1.19 -0.30 -3.02
CA LEU A 9 1.43 0.29 -4.34
C LEU A 9 0.38 1.36 -4.67
N LEU A 10 -0.87 1.09 -4.30
CA LEU A 10 -1.97 2.03 -4.55
C LEU A 10 -2.22 2.92 -3.33
N GLY A 11 -2.52 4.20 -3.58
CA GLY A 11 -2.79 5.15 -2.52
C GLY A 11 -2.53 6.58 -2.93
N LYS A 12 -1.31 6.84 -3.40
CA LYS A 12 -0.91 8.17 -3.84
C LYS A 12 -0.30 8.14 -5.24
N LYS A 13 -0.71 9.08 -6.09
CA LYS A 13 -0.21 9.16 -7.46
C LYS A 13 0.30 10.57 -7.77
#